data_5EVD
#
_entry.id   5EVD
#
_cell.length_a   105.130
_cell.length_b   105.130
_cell.length_c   98.170
_cell.angle_alpha   90.00
_cell.angle_beta   90.00
_cell.angle_gamma   120.00
#
_symmetry.space_group_name_H-M   'P 64 2 2'
#
loop_
_entity.id
_entity.type
_entity.pdbx_description
1 polymer 'Metallo-beta-lactamase L1'
2 non-polymer '(3S,5S,7aR)-2,2-dimethyl-5-(sulfanylmethyl)tetrahydro[1,3]thiazolo[4,3-b][1,3]thiazole-3-carboxylic acid'
3 non-polymer 'ZINC ION'
4 non-polymer 'SULFATE ION'
5 water water
#
_entity_poly.entity_id   1
_entity_poly.type   'polypeptide(L)'
_entity_poly.pdbx_seq_one_letter_code
;GPAEVPLPQLRAYTVDASWLQPMAPLQIADHTWQIGTEDLTALLVQTPDGAVLLDGGMPQMASHLLDNMKARGVTPRDLR
LILLSHAHADHAGPVAELKRRTGAKVAANAESAVLLARGGSDDLHFGDGITYPPANADRIVMDGEVITVGGIVFTAHFMA
GHTPGSTAWTWTDTRNGKPVRIAYADSLSAPGYQLQGNPRYPHLIEDYRRSFATVRALPCDVLLTPHPGASNWDYAAGAR
AGAKALTCKAYADAAEQKFDGQLAKETAGAR
;
_entity_poly.pdbx_strand_id   A
#
loop_
_chem_comp.id
_chem_comp.type
_chem_comp.name
_chem_comp.formula
SO4 non-polymer 'SULFATE ION' 'O4 S -2'
VC2 non-polymer '(3S,5S,7aR)-2,2-dimethyl-5-(sulfanylmethyl)tetrahydro[1,3]thiazolo[4,3-b][1,3]thiazole-3-carboxylic acid' 'C9 H15 N O2 S3'
ZN non-polymer 'ZINC ION' 'Zn 2'
#
# COMPACT_ATOMS: atom_id res chain seq x y z
N ALA A 3 -12.98 -14.59 -41.20
CA ALA A 3 -13.66 -15.31 -40.13
C ALA A 3 -12.69 -16.12 -39.27
N GLU A 4 -11.40 -16.05 -39.59
CA GLU A 4 -10.38 -16.81 -38.88
C GLU A 4 -9.65 -15.95 -37.86
N VAL A 5 -10.34 -15.60 -36.77
CA VAL A 5 -9.77 -14.70 -35.77
C VAL A 5 -9.80 -15.37 -34.41
N PRO A 6 -8.63 -15.67 -33.85
CA PRO A 6 -8.62 -16.32 -32.55
C PRO A 6 -8.95 -15.32 -31.44
N LEU A 7 -9.38 -15.84 -30.29
CA LEU A 7 -9.52 -15.00 -29.11
C LEU A 7 -8.16 -14.38 -28.81
N PRO A 8 -8.14 -13.19 -28.20
CA PRO A 8 -6.87 -12.52 -27.92
C PRO A 8 -6.03 -13.26 -26.89
N GLN A 9 -4.71 -13.10 -26.95
CA GLN A 9 -3.83 -13.67 -25.92
C GLN A 9 -4.08 -12.97 -24.60
N LEU A 10 -3.82 -13.67 -23.50
CA LEU A 10 -3.79 -12.99 -22.21
C LEU A 10 -2.76 -11.87 -22.24
N ARG A 11 -3.11 -10.75 -21.62
CA ARG A 11 -2.20 -9.60 -21.53
C ARG A 11 -1.63 -9.48 -20.14
N ALA A 12 -0.33 -9.36 -20.05
CA ALA A 12 0.32 -9.27 -18.75
C ALA A 12 0.16 -7.86 -18.19
N TYR A 13 0.10 -7.77 -16.87
CA TYR A 13 0.04 -6.48 -16.19
C TYR A 13 1.44 -5.83 -16.22
N THR A 14 1.63 -4.88 -17.14
CA THR A 14 2.92 -4.23 -17.29
C THR A 14 2.91 -2.83 -16.70
N VAL A 15 4.05 -2.37 -16.20
CA VAL A 15 4.16 -1.13 -15.44
C VAL A 15 5.38 -0.32 -15.85
N ASP A 16 5.43 0.96 -15.51
CA ASP A 16 6.60 1.78 -15.82
C ASP A 16 7.84 1.14 -15.23
N ALA A 17 8.96 1.26 -15.94
CA ALA A 17 10.22 0.66 -15.52
C ALA A 17 10.60 1.07 -14.10
N SER A 18 10.36 2.33 -13.74
CA SER A 18 10.78 2.82 -12.43
C SER A 18 10.07 2.08 -11.30
N TRP A 19 8.86 1.59 -11.58
CA TRP A 19 8.14 0.78 -10.58
C TRP A 19 8.88 -0.52 -10.27
N LEU A 20 9.74 -0.94 -11.19
CA LEU A 20 10.45 -2.22 -11.06
C LEU A 20 11.95 -2.03 -10.87
N GLN A 21 12.36 -0.79 -10.61
CA GLN A 21 13.77 -0.47 -10.45
C GLN A 21 14.21 -0.68 -9.00
N PRO A 22 15.05 -1.70 -8.75
CA PRO A 22 15.45 -1.97 -7.36
C PRO A 22 16.24 -0.80 -6.77
N MET A 23 16.10 -0.61 -5.45
CA MET A 23 16.90 0.39 -4.73
C MET A 23 17.38 -0.22 -3.42
N ALA A 24 18.50 0.28 -2.92
CA ALA A 24 18.99 -0.12 -1.61
C ALA A 24 18.06 0.42 -0.53
N PRO A 25 18.10 -0.17 0.68
CA PRO A 25 17.23 0.34 1.74
C PRO A 25 17.49 1.83 2.05
N LEU A 26 16.40 2.57 2.22
CA LEU A 26 16.44 4.00 2.51
C LEU A 26 15.80 4.25 3.85
N GLN A 27 16.54 4.78 4.81
CA GLN A 27 15.99 4.92 6.15
C GLN A 27 15.03 6.10 6.27
N ILE A 28 13.87 5.86 6.89
CA ILE A 28 12.86 6.88 7.10
C ILE A 28 12.90 7.41 8.53
N ALA A 29 13.04 6.48 9.47
CA ALA A 29 13.18 6.81 10.89
C ALA A 29 13.99 5.70 11.56
N ASP A 30 14.17 5.77 12.87
CA ASP A 30 15.10 4.86 13.56
C ASP A 30 14.87 3.37 13.25
N HIS A 31 13.61 2.96 13.11
CA HIS A 31 13.30 1.55 12.85
C HIS A 31 12.63 1.28 11.50
N THR A 32 12.43 2.32 10.71
CA THR A 32 11.57 2.23 9.53
C THR A 32 12.36 2.49 8.24
N TRP A 33 12.30 1.54 7.31
CA TRP A 33 13.04 1.63 6.05
C TRP A 33 12.18 1.40 4.81
N GLN A 34 12.44 2.17 3.76
CA GLN A 34 11.89 1.85 2.44
C GLN A 34 12.81 0.83 1.79
N ILE A 35 12.26 -0.34 1.43
CA ILE A 35 13.11 -1.39 0.86
C ILE A 35 12.55 -1.94 -0.47
N GLY A 36 11.60 -1.22 -1.06
CA GLY A 36 11.04 -1.63 -2.33
C GLY A 36 11.83 -1.14 -3.53
N THR A 37 11.12 -0.61 -4.52
CA THR A 37 11.75 -0.10 -5.73
C THR A 37 11.67 1.42 -5.73
N GLU A 38 12.19 2.06 -6.77
N GLU A 38 12.21 2.06 -6.77
CA GLU A 38 12.21 3.52 -6.81
CA GLU A 38 12.21 3.51 -6.86
C GLU A 38 10.81 4.12 -6.79
C GLU A 38 10.80 4.08 -6.73
N ASP A 39 9.83 3.44 -7.39
CA ASP A 39 8.47 3.97 -7.43
C ASP A 39 7.39 3.08 -6.84
N LEU A 40 7.78 2.03 -6.08
CA LEU A 40 6.79 1.32 -5.27
C LEU A 40 7.30 1.17 -3.84
N THR A 41 6.46 1.61 -2.90
CA THR A 41 6.79 1.56 -1.48
C THR A 41 6.67 0.13 -0.93
N ALA A 42 7.66 -0.28 -0.16
CA ALA A 42 7.56 -1.47 0.70
C ALA A 42 8.31 -1.14 1.97
N LEU A 43 7.59 -1.00 3.07
CA LEU A 43 8.20 -0.49 4.29
C LEU A 43 8.58 -1.61 5.23
N LEU A 44 9.83 -1.59 5.68
CA LEU A 44 10.30 -2.55 6.67
C LEU A 44 10.40 -1.85 8.03
N VAL A 45 9.70 -2.38 9.02
CA VAL A 45 9.85 -1.86 10.39
C VAL A 45 10.55 -2.94 11.22
N GLN A 46 11.73 -2.59 11.75
CA GLN A 46 12.57 -3.52 12.51
C GLN A 46 12.48 -3.28 14.00
N THR A 47 12.12 -4.31 14.76
CA THR A 47 11.95 -4.19 16.19
C THR A 47 12.83 -5.21 16.90
N PRO A 48 13.02 -5.05 18.23
CA PRO A 48 13.80 -6.05 18.97
C PRO A 48 13.13 -7.43 18.94
N ASP A 49 11.86 -7.47 18.54
CA ASP A 49 11.08 -8.69 18.60
C ASP A 49 10.54 -9.05 17.22
N GLY A 50 11.36 -8.83 16.18
CA GLY A 50 11.02 -9.22 14.82
C GLY A 50 10.69 -8.06 13.91
N ALA A 51 10.44 -8.35 12.63
CA ALA A 51 10.20 -7.30 11.65
C ALA A 51 8.78 -7.31 11.09
N VAL A 52 8.35 -6.15 10.61
CA VAL A 52 7.05 -6.00 9.96
C VAL A 52 7.31 -5.46 8.55
N LEU A 53 6.59 -6.00 7.57
CA LEU A 53 6.61 -5.45 6.23
C LEU A 53 5.24 -4.86 5.90
N LEU A 54 5.23 -3.62 5.45
CA LEU A 54 3.99 -3.02 4.97
C LEU A 54 4.10 -2.85 3.47
N ASP A 55 3.29 -3.65 2.75
CA ASP A 55 3.30 -3.77 1.28
C ASP A 55 4.55 -4.46 0.73
N GLY A 56 4.40 -5.08 -0.43
CA GLY A 56 5.51 -5.74 -1.10
C GLY A 56 5.73 -5.26 -2.52
N GLY A 57 4.82 -4.45 -3.04
CA GLY A 57 4.93 -4.02 -4.42
C GLY A 57 4.42 -5.07 -5.41
N MET A 58 5.14 -5.23 -6.52
CA MET A 58 4.77 -6.15 -7.59
C MET A 58 5.18 -7.60 -7.29
N PRO A 59 4.56 -8.58 -7.99
CA PRO A 59 4.86 -10.00 -7.72
C PRO A 59 6.33 -10.35 -7.90
N GLN A 60 6.99 -9.77 -8.90
CA GLN A 60 8.36 -10.18 -9.17
C GLN A 60 9.37 -9.54 -8.20
N MET A 61 8.88 -8.81 -7.19
CA MET A 61 9.78 -8.14 -6.24
C MET A 61 10.17 -8.97 -5.01
N ALA A 62 9.64 -10.19 -4.87
CA ALA A 62 9.86 -10.97 -3.65
C ALA A 62 11.34 -11.17 -3.30
N SER A 63 12.15 -11.58 -4.27
CA SER A 63 13.56 -11.86 -3.98
C SER A 63 14.33 -10.59 -3.63
N HIS A 64 14.02 -9.50 -4.34
CA HIS A 64 14.62 -8.21 -4.01
C HIS A 64 14.34 -7.80 -2.57
N LEU A 65 13.08 -7.89 -2.16
CA LEU A 65 12.70 -7.60 -0.78
C LEU A 65 13.49 -8.42 0.24
N LEU A 66 13.61 -9.72 -0.05
CA LEU A 66 14.36 -10.62 0.82
C LEU A 66 15.84 -10.25 0.87
N ASP A 67 16.39 -9.79 -0.25
CA ASP A 67 17.77 -9.30 -0.29
C ASP A 67 17.94 -8.08 0.60
N ASN A 68 17.02 -7.12 0.46
CA ASN A 68 17.08 -5.92 1.28
C ASN A 68 16.87 -6.21 2.75
N MET A 69 15.96 -7.13 3.06
CA MET A 69 15.80 -7.54 4.46
C MET A 69 17.11 -8.09 5.02
N LYS A 70 17.76 -8.96 4.23
CA LYS A 70 19.02 -9.57 4.65
C LYS A 70 20.06 -8.49 4.90
N ALA A 71 20.17 -7.54 3.98
CA ALA A 71 21.07 -6.39 4.14
C ALA A 71 20.79 -5.62 5.44
N ARG A 72 19.53 -5.66 5.89
CA ARG A 72 19.14 -4.97 7.12
C ARG A 72 19.34 -5.80 8.38
N GLY A 73 19.72 -7.07 8.22
CA GLY A 73 19.90 -7.97 9.34
C GLY A 73 18.68 -8.82 9.64
N VAL A 74 17.72 -8.82 8.72
CA VAL A 74 16.46 -9.54 8.90
C VAL A 74 16.43 -10.80 8.06
N THR A 75 16.44 -11.95 8.72
CA THR A 75 16.40 -13.22 8.02
C THR A 75 14.94 -13.58 7.74
N PRO A 76 14.70 -14.55 6.84
CA PRO A 76 13.33 -14.98 6.57
C PRO A 76 12.53 -15.31 7.84
N ARG A 77 13.19 -15.91 8.83
CA ARG A 77 12.50 -16.27 10.07
C ARG A 77 12.13 -15.05 10.92
N ASP A 78 12.85 -13.95 10.74
CA ASP A 78 12.63 -12.75 11.56
C ASP A 78 11.42 -11.93 11.11
N LEU A 79 11.01 -12.10 9.86
CA LEU A 79 9.83 -11.40 9.37
C LEU A 79 8.55 -12.00 9.98
N ARG A 80 7.91 -11.24 10.87
CA ARG A 80 6.76 -11.73 11.63
C ARG A 80 5.41 -11.42 10.99
N LEU A 81 5.30 -10.25 10.37
CA LEU A 81 3.99 -9.72 10.00
C LEU A 81 4.06 -8.98 8.67
N ILE A 82 3.06 -9.23 7.81
CA ILE A 82 2.86 -8.41 6.62
C ILE A 82 1.54 -7.66 6.75
N LEU A 83 1.60 -6.35 6.56
CA LEU A 83 0.42 -5.47 6.52
C LEU A 83 0.27 -4.92 5.11
N LEU A 84 -0.95 -4.53 4.73
CA LEU A 84 -1.19 -4.04 3.37
C LEU A 84 -1.95 -2.73 3.33
N SER A 85 -1.58 -1.87 2.37
CA SER A 85 -2.38 -0.69 2.07
C SER A 85 -3.68 -1.14 1.37
N HIS A 86 -3.53 -1.75 0.19
CA HIS A 86 -4.67 -2.41 -0.45
C HIS A 86 -4.17 -3.57 -1.30
N ALA A 87 -5.06 -4.51 -1.62
CA ALA A 87 -4.66 -5.78 -2.19
C ALA A 87 -4.74 -5.78 -3.72
N HIS A 88 -4.13 -4.77 -4.34
CA HIS A 88 -3.91 -4.81 -5.78
C HIS A 88 -2.55 -5.41 -6.09
N ALA A 89 -2.38 -5.86 -7.33
CA ALA A 89 -1.18 -6.57 -7.76
C ALA A 89 0.11 -5.78 -7.56
N ASP A 90 0.03 -4.45 -7.64
CA ASP A 90 1.27 -3.67 -7.53
C ASP A 90 1.62 -3.30 -6.10
N HIS A 91 0.88 -3.84 -5.12
CA HIS A 91 1.24 -3.62 -3.72
C HIS A 91 1.24 -4.90 -2.90
N ALA A 92 0.37 -5.84 -3.25
CA ALA A 92 0.31 -7.12 -2.56
C ALA A 92 0.86 -8.25 -3.42
N GLY A 93 1.41 -7.89 -4.58
CA GLY A 93 1.88 -8.87 -5.55
C GLY A 93 2.67 -10.05 -5.03
N PRO A 94 3.71 -9.79 -4.21
CA PRO A 94 4.57 -10.92 -3.80
C PRO A 94 4.17 -11.52 -2.45
N VAL A 95 3.01 -11.17 -1.93
CA VAL A 95 2.65 -11.64 -0.58
C VAL A 95 2.62 -13.17 -0.47
N ALA A 96 2.02 -13.85 -1.46
CA ALA A 96 1.94 -15.31 -1.38
C ALA A 96 3.33 -15.95 -1.29
N GLU A 97 4.23 -15.48 -2.13
CA GLU A 97 5.59 -16.00 -2.16
C GLU A 97 6.38 -15.66 -0.89
N LEU A 98 6.20 -14.44 -0.39
CA LEU A 98 6.85 -14.07 0.87
C LEU A 98 6.39 -14.98 2.03
N LYS A 99 5.10 -15.32 2.07
CA LYS A 99 4.60 -16.21 3.12
C LYS A 99 5.23 -17.59 3.00
N ARG A 100 5.43 -18.05 1.77
CA ARG A 100 6.06 -19.35 1.54
C ARG A 100 7.52 -19.36 1.96
N ARG A 101 8.18 -18.22 1.85
CA ARG A 101 9.63 -18.15 1.99
C ARG A 101 10.08 -17.57 3.33
N THR A 102 9.14 -17.10 4.14
CA THR A 102 9.45 -16.47 5.42
C THR A 102 8.53 -16.98 6.52
N GLY A 103 8.74 -16.49 7.73
CA GLY A 103 7.82 -16.76 8.82
C GLY A 103 6.61 -15.85 8.88
N ALA A 104 6.46 -14.98 7.87
CA ALA A 104 5.48 -13.89 7.94
C ALA A 104 4.04 -14.36 7.92
N LYS A 105 3.22 -13.74 8.75
CA LYS A 105 1.78 -13.93 8.69
C LYS A 105 1.12 -12.62 8.27
N VAL A 106 -0.04 -12.71 7.64
CA VAL A 106 -0.71 -11.53 7.11
C VAL A 106 -1.89 -11.08 7.98
N ALA A 107 -1.91 -9.80 8.32
CA ALA A 107 -3.07 -9.21 8.99
C ALA A 107 -3.72 -8.21 8.05
N ALA A 108 -5.04 -8.30 7.89
CA ALA A 108 -5.74 -7.40 6.99
C ALA A 108 -7.23 -7.33 7.34
N ASN A 109 -7.94 -6.31 6.86
CA ASN A 109 -9.37 -6.30 7.09
C ASN A 109 -10.06 -7.30 6.17
N ALA A 110 -11.36 -7.53 6.41
CA ALA A 110 -12.09 -8.55 5.69
C ALA A 110 -12.11 -8.28 4.19
N GLU A 111 -12.31 -7.03 3.82
CA GLU A 111 -12.36 -6.71 2.40
C GLU A 111 -11.04 -7.02 1.72
N SER A 112 -9.93 -6.60 2.33
CA SER A 112 -8.63 -6.86 1.72
C SER A 112 -8.34 -8.36 1.72
N ALA A 113 -8.72 -9.05 2.80
CA ALA A 113 -8.54 -10.50 2.86
C ALA A 113 -9.26 -11.24 1.73
N VAL A 114 -10.50 -10.88 1.42
CA VAL A 114 -11.19 -11.66 0.39
C VAL A 114 -10.61 -11.33 -0.99
N LEU A 115 -10.19 -10.09 -1.20
CA LEU A 115 -9.59 -9.72 -2.49
C LEU A 115 -8.23 -10.41 -2.64
N LEU A 116 -7.44 -10.41 -1.56
CA LEU A 116 -6.15 -11.10 -1.55
C LEU A 116 -6.32 -12.60 -1.83
N ALA A 117 -7.32 -13.19 -1.18
CA ALA A 117 -7.60 -14.61 -1.36
C ALA A 117 -8.06 -14.96 -2.77
N ARG A 118 -8.56 -13.96 -3.52
CA ARG A 118 -8.93 -14.10 -4.94
C ARG A 118 -7.77 -13.80 -5.88
N GLY A 119 -6.61 -13.46 -5.32
CA GLY A 119 -5.49 -13.00 -6.13
C GLY A 119 -5.84 -11.78 -6.96
N GLY A 120 -6.75 -10.95 -6.46
CA GLY A 120 -7.10 -9.71 -7.14
C GLY A 120 -8.02 -9.90 -8.33
N SER A 121 -8.51 -11.13 -8.52
CA SER A 121 -9.44 -11.41 -9.61
C SER A 121 -10.82 -10.85 -9.26
N ASP A 122 -11.69 -10.75 -10.26
CA ASP A 122 -13.03 -10.17 -10.10
C ASP A 122 -12.97 -8.83 -9.36
N ASP A 123 -12.02 -7.99 -9.75
CA ASP A 123 -11.91 -6.64 -9.21
C ASP A 123 -13.17 -5.84 -9.54
N LEU A 124 -13.59 -4.98 -8.62
CA LEU A 124 -14.82 -4.21 -8.84
C LEU A 124 -14.76 -3.39 -10.12
N HIS A 125 -13.55 -2.95 -10.49
CA HIS A 125 -13.39 -2.07 -11.63
C HIS A 125 -12.59 -2.67 -12.78
N PHE A 126 -11.66 -3.56 -12.47
CA PHE A 126 -10.73 -4.04 -13.49
C PHE A 126 -10.95 -5.49 -13.88
N GLY A 127 -12.00 -6.11 -13.35
CA GLY A 127 -12.28 -7.50 -13.65
C GLY A 127 -11.13 -8.42 -13.32
N ASP A 128 -10.68 -9.19 -14.32
CA ASP A 128 -9.57 -10.12 -14.13
C ASP A 128 -8.29 -9.62 -14.77
N GLY A 129 -8.25 -8.32 -15.05
CA GLY A 129 -7.11 -7.73 -15.73
C GLY A 129 -5.83 -7.64 -14.92
N ILE A 130 -5.94 -7.70 -13.59
CA ILE A 130 -4.77 -7.49 -12.74
C ILE A 130 -4.66 -8.54 -11.62
N THR A 131 -4.63 -9.81 -12.01
CA THR A 131 -4.56 -10.89 -11.03
C THR A 131 -3.12 -11.16 -10.61
N TYR A 132 -2.96 -11.77 -9.45
CA TYR A 132 -1.64 -12.09 -8.92
C TYR A 132 -1.80 -13.34 -8.05
N PRO A 133 -0.70 -13.93 -7.55
CA PRO A 133 -0.89 -15.16 -6.76
C PRO A 133 -1.74 -14.92 -5.50
N PRO A 134 -2.78 -15.75 -5.29
CA PRO A 134 -3.61 -15.52 -4.10
C PRO A 134 -2.89 -15.90 -2.81
N ALA A 135 -3.28 -15.24 -1.72
CA ALA A 135 -2.74 -15.54 -0.40
C ALA A 135 -3.85 -15.43 0.63
N ASN A 136 -3.68 -16.15 1.73
CA ASN A 136 -4.65 -16.13 2.83
C ASN A 136 -4.20 -15.19 3.93
N ALA A 137 -5.14 -14.48 4.52
CA ALA A 137 -4.89 -13.69 5.71
C ALA A 137 -4.92 -14.56 6.97
N ASP A 138 -3.97 -14.32 7.89
CA ASP A 138 -3.91 -15.10 9.13
C ASP A 138 -4.68 -14.43 10.26
N ARG A 139 -4.89 -13.14 10.12
CA ARG A 139 -5.59 -12.37 11.15
C ARG A 139 -6.46 -11.32 10.46
N ILE A 140 -7.71 -11.22 10.91
CA ILE A 140 -8.62 -10.21 10.38
C ILE A 140 -8.69 -9.04 11.34
N VAL A 141 -8.46 -7.83 10.85
CA VAL A 141 -8.48 -6.66 11.73
C VAL A 141 -9.68 -5.76 11.46
N MET A 142 -10.13 -5.10 12.53
CA MET A 142 -11.25 -4.17 12.48
C MET A 142 -10.74 -2.74 12.45
N ASP A 143 -11.61 -1.80 12.08
CA ASP A 143 -11.21 -0.39 12.00
C ASP A 143 -10.76 0.09 13.39
N GLY A 144 -9.58 0.69 13.44
CA GLY A 144 -9.05 1.21 14.69
C GLY A 144 -8.32 0.20 15.55
N GLU A 145 -8.28 -1.05 15.09
CA GLU A 145 -7.61 -2.10 15.86
C GLU A 145 -6.10 -1.90 15.80
N VAL A 146 -5.41 -2.28 16.89
CA VAL A 146 -3.97 -2.15 16.96
C VAL A 146 -3.28 -3.51 16.88
N ILE A 147 -2.10 -3.50 16.27
CA ILE A 147 -1.23 -4.67 16.31
C ILE A 147 0.12 -4.19 16.82
N THR A 148 0.67 -4.92 17.79
CA THR A 148 1.94 -4.51 18.38
C THR A 148 3.02 -5.55 18.09
N VAL A 149 4.15 -5.09 17.56
CA VAL A 149 5.30 -5.95 17.33
C VAL A 149 6.54 -5.31 17.93
N GLY A 150 7.23 -6.03 18.81
CA GLY A 150 8.42 -5.51 19.47
C GLY A 150 8.23 -4.11 20.01
N GLY A 151 7.03 -3.83 20.50
CA GLY A 151 6.70 -2.53 21.04
C GLY A 151 6.35 -1.41 20.09
N ILE A 152 6.41 -1.65 18.78
CA ILE A 152 5.95 -0.65 17.84
C ILE A 152 4.46 -0.92 17.63
N VAL A 153 3.62 0.09 17.83
CA VAL A 153 2.18 -0.11 17.78
C VAL A 153 1.58 0.41 16.48
N PHE A 154 1.00 -0.51 15.70
CA PHE A 154 0.39 -0.16 14.42
C PHE A 154 -1.12 -0.05 14.55
N THR A 155 -1.69 1.06 14.10
CA THR A 155 -3.14 1.25 14.15
C THR A 155 -3.72 1.29 12.74
N ALA A 156 -4.77 0.51 12.54
CA ALA A 156 -5.49 0.49 11.26
C ALA A 156 -6.55 1.60 11.20
N HIS A 157 -6.58 2.31 10.08
CA HIS A 157 -7.60 3.33 9.81
C HIS A 157 -8.21 3.04 8.46
N PHE A 158 -9.42 2.50 8.43
CA PHE A 158 -10.03 2.17 7.14
C PHE A 158 -10.26 3.43 6.35
N MET A 159 -9.98 3.36 5.06
CA MET A 159 -10.21 4.47 4.16
C MET A 159 -10.67 3.93 2.81
N ALA A 160 -11.82 3.25 2.84
CA ALA A 160 -12.39 2.60 1.67
C ALA A 160 -12.53 3.57 0.49
N GLY A 161 -12.30 3.07 -0.71
CA GLY A 161 -12.52 3.87 -1.91
C GLY A 161 -11.75 3.28 -3.08
N HIS A 162 -10.44 3.50 -3.08
CA HIS A 162 -9.60 2.92 -4.13
C HIS A 162 -9.83 1.40 -4.22
N THR A 163 -9.86 0.74 -3.06
CA THR A 163 -10.50 -0.58 -2.92
C THR A 163 -11.43 -0.52 -1.70
N PRO A 164 -12.40 -1.43 -1.63
CA PRO A 164 -13.24 -1.47 -0.42
C PRO A 164 -12.42 -1.63 0.86
N GLY A 165 -11.28 -2.30 0.76
CA GLY A 165 -10.47 -2.61 1.93
C GLY A 165 -9.29 -1.69 2.17
N SER A 166 -9.20 -0.61 1.39
CA SER A 166 -8.10 0.33 1.53
C SER A 166 -7.93 0.79 2.99
N THR A 167 -6.68 0.72 3.45
CA THR A 167 -6.33 0.98 4.85
C THR A 167 -5.14 1.93 4.96
N ALA A 168 -5.21 2.88 5.90
CA ALA A 168 -4.00 3.60 6.34
C ALA A 168 -3.46 2.94 7.60
N TRP A 169 -2.14 2.81 7.69
CA TRP A 169 -1.50 2.29 8.89
C TRP A 169 -0.67 3.38 9.55
N THR A 170 -0.83 3.59 10.85
CA THR A 170 -0.02 4.59 11.54
C THR A 170 0.77 3.99 12.70
N TRP A 171 1.95 4.53 12.95
CA TRP A 171 2.75 4.07 14.07
C TRP A 171 3.71 5.18 14.46
N THR A 172 4.27 5.08 15.66
CA THR A 172 5.18 6.11 16.14
C THR A 172 6.59 5.52 16.27
N ASP A 173 7.50 6.12 15.53
CA ASP A 173 8.90 5.73 15.52
C ASP A 173 9.66 6.87 16.17
N THR A 174 10.99 6.84 16.11
CA THR A 174 11.78 7.93 16.66
C THR A 174 12.79 8.43 15.65
N ARG A 175 13.21 9.67 15.86
CA ARG A 175 14.32 10.23 15.11
C ARG A 175 14.90 11.35 15.98
N ASN A 176 16.21 11.29 16.23
CA ASN A 176 16.89 12.28 17.07
C ASN A 176 16.29 12.39 18.47
N GLY A 177 15.92 11.25 19.05
CA GLY A 177 15.35 11.22 20.38
C GLY A 177 13.90 11.67 20.46
N LYS A 178 13.38 12.18 19.34
CA LYS A 178 12.00 12.67 19.31
C LYS A 178 11.06 11.71 18.56
N PRO A 179 9.83 11.58 19.04
CA PRO A 179 8.86 10.71 18.37
C PRO A 179 8.55 11.19 16.96
N VAL A 180 8.33 10.26 16.04
CA VAL A 180 7.93 10.58 14.69
C VAL A 180 6.69 9.76 14.36
N ARG A 181 5.55 10.42 14.30
CA ARG A 181 4.29 9.77 13.96
C ARG A 181 4.20 9.57 12.46
N ILE A 182 4.36 8.33 12.04
CA ILE A 182 4.39 8.00 10.62
C ILE A 182 3.00 7.56 10.18
N ALA A 183 2.53 8.09 9.06
CA ALA A 183 1.25 7.67 8.50
C ALA A 183 1.47 7.10 7.11
N TYR A 184 1.22 5.81 6.95
CA TYR A 184 1.29 5.17 5.65
C TYR A 184 -0.13 5.14 5.11
N ALA A 185 -0.50 6.18 4.35
CA ALA A 185 -1.89 6.30 3.87
C ALA A 185 -2.04 5.69 2.48
N ASP A 186 -3.14 4.98 2.27
CA ASP A 186 -3.34 4.29 1.00
C ASP A 186 -3.64 5.26 -0.13
N SER A 187 -3.67 4.74 -1.35
CA SER A 187 -4.09 5.50 -2.53
C SER A 187 -5.48 6.10 -2.37
N LEU A 188 -5.66 7.30 -2.89
CA LEU A 188 -6.98 7.94 -2.91
C LEU A 188 -7.40 8.20 -4.35
N SER A 189 -6.73 7.51 -5.28
CA SER A 189 -7.03 7.64 -6.71
C SER A 189 -8.23 6.78 -7.09
N ALA A 190 -8.82 7.09 -8.23
CA ALA A 190 -9.89 6.25 -8.77
C ALA A 190 -9.69 6.11 -10.29
N PRO A 191 -8.59 5.44 -10.70
CA PRO A 191 -8.10 5.43 -12.09
C PRO A 191 -9.04 4.70 -13.05
N GLY A 192 -9.75 5.47 -13.86
CA GLY A 192 -10.71 4.93 -14.81
C GLY A 192 -11.98 4.34 -14.20
N TYR A 193 -12.19 4.60 -12.91
CA TYR A 193 -13.38 4.07 -12.23
C TYR A 193 -14.67 4.74 -12.69
N GLN A 194 -15.74 3.97 -12.78
CA GLN A 194 -17.07 4.56 -12.82
C GLN A 194 -17.43 4.95 -11.39
N LEU A 195 -17.57 6.26 -11.14
CA LEU A 195 -17.80 6.77 -9.78
C LEU A 195 -19.28 6.79 -9.41
N GLN A 196 -20.12 7.32 -10.31
CA GLN A 196 -21.55 7.50 -10.02
C GLN A 196 -22.38 6.31 -10.50
N GLY A 197 -23.30 5.84 -9.67
CA GLY A 197 -24.22 4.78 -10.05
C GLY A 197 -23.54 3.47 -10.42
N ASN A 198 -22.41 3.18 -9.76
CA ASN A 198 -21.69 1.93 -10.02
C ASN A 198 -22.40 0.77 -9.32
N PRO A 199 -22.95 -0.18 -10.09
CA PRO A 199 -23.72 -1.26 -9.46
C PRO A 199 -22.87 -2.14 -8.52
N ARG A 200 -21.57 -2.21 -8.76
CA ARG A 200 -20.67 -3.01 -7.92
C ARG A 200 -20.20 -2.25 -6.69
N TYR A 201 -20.41 -0.94 -6.66
CA TYR A 201 -19.96 -0.12 -5.53
C TYR A 201 -20.89 1.08 -5.40
N PRO A 202 -22.12 0.85 -4.92
CA PRO A 202 -23.12 1.93 -4.94
C PRO A 202 -22.77 3.14 -4.06
N HIS A 203 -22.08 2.96 -2.94
CA HIS A 203 -21.73 4.10 -2.09
C HIS A 203 -20.29 4.56 -2.27
N LEU A 204 -19.75 4.33 -3.46
CA LEU A 204 -18.36 4.67 -3.75
C LEU A 204 -18.03 6.11 -3.39
N ILE A 205 -18.89 7.04 -3.81
CA ILE A 205 -18.60 8.46 -3.63
C ILE A 205 -18.61 8.83 -2.15
N GLU A 206 -19.60 8.34 -1.42
CA GLU A 206 -19.69 8.59 0.02
C GLU A 206 -18.46 8.05 0.75
N ASP A 207 -17.98 6.88 0.33
CA ASP A 207 -16.80 6.29 0.96
C ASP A 207 -15.54 7.11 0.68
N TYR A 208 -15.32 7.50 -0.56
CA TYR A 208 -14.19 8.39 -0.86
C TYR A 208 -14.23 9.65 -0.01
N ARG A 209 -15.39 10.31 0.07
CA ARG A 209 -15.50 11.55 0.86
C ARG A 209 -15.11 11.32 2.32
N ARG A 210 -15.60 10.22 2.89
CA ARG A 210 -15.28 9.88 4.27
C ARG A 210 -13.79 9.61 4.40
N SER A 211 -13.23 8.98 3.37
CA SER A 211 -11.80 8.64 3.38
C SER A 211 -10.90 9.89 3.28
N PHE A 212 -11.29 10.89 2.48
CA PHE A 212 -10.54 12.15 2.50
C PHE A 212 -10.48 12.74 3.93
N ALA A 213 -11.59 12.65 4.64
CA ALA A 213 -11.67 13.21 6.00
C ALA A 213 -10.79 12.42 6.96
N THR A 214 -10.79 11.10 6.79
CA THR A 214 -9.99 10.22 7.63
C THR A 214 -8.51 10.52 7.45
N VAL A 215 -8.08 10.61 6.19
CA VAL A 215 -6.67 10.83 5.90
C VAL A 215 -6.22 12.20 6.43
N ARG A 216 -7.07 13.20 6.25
CA ARG A 216 -6.79 14.56 6.72
C ARG A 216 -6.50 14.61 8.22
N ALA A 217 -7.16 13.75 8.99
CA ALA A 217 -7.05 13.81 10.45
C ALA A 217 -6.05 12.82 11.06
N LEU A 218 -5.35 12.03 10.24
CA LEU A 218 -4.38 11.07 10.79
C LEU A 218 -3.27 11.75 11.59
N PRO A 219 -2.77 11.06 12.63
CA PRO A 219 -1.51 11.51 13.26
C PRO A 219 -0.40 11.36 12.23
N CYS A 220 0.30 12.44 11.93
CA CYS A 220 1.01 12.49 10.66
C CYS A 220 2.18 13.49 10.64
N ASP A 221 3.22 13.23 11.41
CA ASP A 221 4.48 13.97 11.26
C ASP A 221 5.11 13.69 9.90
N VAL A 222 4.97 12.45 9.44
CA VAL A 222 5.54 12.05 8.16
C VAL A 222 4.54 11.19 7.41
N LEU A 223 4.21 11.60 6.19
CA LEU A 223 3.30 10.83 5.33
C LEU A 223 4.09 10.02 4.32
N LEU A 224 3.71 8.76 4.14
CA LEU A 224 4.21 7.93 3.03
C LEU A 224 3.01 7.32 2.31
N THR A 225 3.16 7.03 1.02
CA THR A 225 2.07 6.45 0.24
C THR A 225 2.61 5.28 -0.60
N PRO A 226 1.72 4.35 -0.99
CA PRO A 226 2.16 3.17 -1.76
C PRO A 226 2.84 3.56 -3.07
N HIS A 227 2.31 4.57 -3.76
CA HIS A 227 3.05 5.23 -4.83
C HIS A 227 3.68 6.50 -4.25
N PRO A 228 5.01 6.52 -4.14
CA PRO A 228 5.69 7.63 -3.46
C PRO A 228 5.37 8.99 -4.08
N GLY A 229 5.22 9.05 -5.39
CA GLY A 229 4.91 10.30 -6.07
C GLY A 229 3.62 10.95 -5.57
N ALA A 230 2.68 10.12 -5.12
CA ALA A 230 1.41 10.63 -4.64
C ALA A 230 1.59 11.54 -3.41
N SER A 231 2.63 11.29 -2.63
CA SER A 231 2.89 12.13 -1.45
C SER A 231 4.15 12.98 -1.66
N ASN A 232 4.60 13.05 -2.90
CA ASN A 232 5.78 13.85 -3.30
C ASN A 232 7.09 13.37 -2.71
N TRP A 233 7.16 12.07 -2.45
CA TRP A 233 8.42 11.42 -2.12
C TRP A 233 9.20 11.15 -3.40
N ASP A 234 10.52 11.27 -3.33
CA ASP A 234 11.41 10.85 -4.41
C ASP A 234 12.47 9.90 -3.84
N TYR A 235 12.18 8.60 -3.86
CA TYR A 235 13.08 7.63 -3.23
C TYR A 235 14.51 7.65 -3.81
N ALA A 236 14.65 8.08 -5.06
CA ALA A 236 15.98 8.12 -5.69
C ALA A 236 16.81 9.34 -5.27
N ALA A 237 16.20 10.26 -4.52
CA ALA A 237 16.85 11.53 -4.18
C ALA A 237 17.65 11.47 -2.88
N GLY A 238 17.94 10.27 -2.40
CA GLY A 238 18.82 10.08 -1.26
C GLY A 238 18.45 10.83 -0.01
N ALA A 239 19.33 11.74 0.42
CA ALA A 239 19.17 12.44 1.70
C ALA A 239 18.02 13.46 1.64
N ARG A 240 17.51 13.72 0.44
CA ARG A 240 16.40 14.65 0.29
C ARG A 240 15.15 13.94 -0.23
N ALA A 241 15.15 12.62 -0.15
CA ALA A 241 14.04 11.80 -0.64
C ALA A 241 12.68 12.27 -0.12
N GLY A 242 12.62 12.61 1.17
CA GLY A 242 11.35 13.02 1.75
C GLY A 242 11.20 14.53 1.96
N ALA A 243 12.13 15.32 1.45
CA ALA A 243 12.11 16.76 1.72
C ALA A 243 10.81 17.42 1.28
N LYS A 244 10.30 17.04 0.10
CA LYS A 244 9.13 17.69 -0.48
C LYS A 244 7.82 17.01 -0.13
N ALA A 245 7.87 16.04 0.78
CA ALA A 245 6.68 15.25 1.11
C ALA A 245 5.51 16.12 1.55
N LEU A 246 4.32 15.76 1.07
CA LEU A 246 3.09 16.40 1.49
C LEU A 246 2.74 16.06 2.93
N THR A 247 1.99 16.95 3.59
CA THR A 247 1.29 16.61 4.81
C THR A 247 0.13 15.68 4.47
N CYS A 248 -0.43 14.99 5.47
CA CYS A 248 -1.65 14.21 5.23
C CYS A 248 -2.80 15.13 4.79
N LYS A 249 -2.86 16.33 5.35
CA LYS A 249 -3.92 17.28 4.98
C LYS A 249 -3.83 17.67 3.50
N ALA A 250 -2.61 17.97 3.05
CA ALA A 250 -2.40 18.39 1.67
C ALA A 250 -2.67 17.23 0.71
N TYR A 251 -2.26 16.04 1.12
CA TYR A 251 -2.51 14.83 0.32
C TYR A 251 -4.01 14.60 0.13
N ALA A 252 -4.76 14.70 1.23
CA ALA A 252 -6.21 14.52 1.17
C ALA A 252 -6.89 15.60 0.34
N ASP A 253 -6.44 16.85 0.51
CA ASP A 253 -7.03 17.96 -0.23
C ASP A 253 -6.80 17.81 -1.73
N ALA A 254 -5.59 17.40 -2.10
CA ALA A 254 -5.24 17.24 -3.50
C ALA A 254 -6.08 16.14 -4.13
N ALA A 255 -6.22 15.03 -3.38
CA ALA A 255 -6.98 13.88 -3.86
C ALA A 255 -8.44 14.24 -4.03
N GLU A 256 -8.98 15.04 -3.11
CA GLU A 256 -10.39 15.41 -3.20
C GLU A 256 -10.66 16.33 -4.38
N GLN A 257 -9.75 17.28 -4.60
CA GLN A 257 -9.85 18.16 -5.75
C GLN A 257 -9.82 17.37 -7.05
N LYS A 258 -8.89 16.44 -7.14
CA LYS A 258 -8.80 15.59 -8.33
C LYS A 258 -10.08 14.78 -8.51
N PHE A 259 -10.57 14.23 -7.40
CA PHE A 259 -11.79 13.42 -7.41
C PHE A 259 -12.99 14.24 -7.92
N ASP A 260 -13.13 15.46 -7.40
CA ASP A 260 -14.20 16.36 -7.84
C ASP A 260 -14.11 16.67 -9.33
N GLY A 261 -12.89 16.85 -9.83
CA GLY A 261 -12.69 17.04 -11.25
C GLY A 261 -13.14 15.83 -12.04
N GLN A 262 -12.82 14.65 -11.52
CA GLN A 262 -13.14 13.42 -12.21
C GLN A 262 -14.66 13.22 -12.25
N LEU A 263 -15.33 13.55 -11.15
CA LEU A 263 -16.80 13.47 -11.11
C LEU A 263 -17.45 14.35 -12.15
N ALA A 264 -16.93 15.57 -12.28
CA ALA A 264 -17.45 16.53 -13.24
C ALA A 264 -17.21 16.06 -14.67
N LYS A 265 -16.05 15.47 -14.92
CA LYS A 265 -15.75 14.95 -16.25
C LYS A 265 -16.62 13.73 -16.56
N GLU A 266 -16.90 12.93 -15.54
CA GLU A 266 -17.72 11.74 -15.74
C GLU A 266 -19.13 12.14 -16.15
N THR A 267 -19.67 13.11 -15.43
CA THR A 267 -20.97 13.66 -15.74
C THR A 267 -21.02 14.22 -17.16
N ALA A 268 -19.95 14.89 -17.58
CA ALA A 268 -19.88 15.41 -18.94
C ALA A 268 -19.64 14.29 -19.96
N GLY A 269 -18.85 13.29 -19.58
CA GLY A 269 -18.46 12.24 -20.51
C GLY A 269 -19.50 11.16 -20.69
O VC2 B . -2.38 2.55 -12.41
C VC2 B . -3.51 2.51 -12.96
OXT VC2 B . -4.06 3.27 -13.75
CA VC2 B . -4.41 1.35 -12.57
N VC2 B . -3.78 0.50 -11.60
CB VC2 B . -4.64 0.49 -13.84
CG2 VC2 B . -5.72 0.99 -14.74
CG1 VC2 B . -3.43 0.19 -14.63
SAI VC2 B . -5.19 -1.13 -13.17
CAO VC2 B . -4.34 -0.81 -11.59
CAG VC2 B . -5.36 -0.97 -10.52
SAH VC2 B . -5.44 0.55 -9.63
CAK VC2 B . -3.83 1.10 -10.27
CAF VC2 B . -2.78 0.46 -9.37
SAE VC2 B . -2.81 1.06 -7.67
ZN ZN C . -4.59 0.01 -6.57
ZN ZN D . -0.94 0.95 -7.10
S SO4 E . -1.69 -7.37 19.56
O1 SO4 E . -1.00 -7.76 18.34
O2 SO4 E . -1.27 -8.25 20.65
O3 SO4 E . -1.38 -5.99 19.90
O4 SO4 E . -3.14 -7.50 19.37
S SO4 F . 14.41 13.73 4.03
O1 SO4 F . 14.61 12.70 3.03
O2 SO4 F . 15.31 13.49 5.16
O3 SO4 F . 14.70 15.03 3.44
O4 SO4 F . 13.03 13.69 4.50
#